data_5CVE
#
_entry.id   5CVE
#
_cell.length_a   114.836
_cell.length_b   66.302
_cell.length_c   68.730
_cell.angle_alpha   90.000
_cell.angle_beta   106.440
_cell.angle_gamma   90.000
#
_symmetry.space_group_name_H-M   'C 1 2 1'
#
loop_
_entity.id
_entity.type
_entity.pdbx_description
1 polymer 'N-terminal Xaa-Pro-Lys N-methyltransferase 1'
2 polymer 'N-terminal peptide from Histone H2B'
3 non-polymer S-ADENOSYL-L-HOMOCYSTEINE
4 water water
#
loop_
_entity_poly.entity_id
_entity_poly.type
_entity_poly.pdbx_seq_one_letter_code
_entity_poly.pdbx_strand_id
1 'polypeptide(L)'
;MGSSHHHHHHSSGLVPRGSHMTSEVIEDEKQFYSKAKTYWKQIPPTVDGMLGGYGHISSIDINSSRKFLQRFLREGPNKT
GTSCALDCGAGIGRITKRLLLPLFREVDMVDITEDFLVQAKTYLGEEGKRVRNYFCCGLQDFTPEPDSYDVIWIQWVIGH
LTDQHLAEFLRRCKGSLRPNGIIVIKDNMAQEGVILDDVDSSVCRDLDVVRRIICSAGLSLLAEERQENLPDEIYHVYSF
ALR
;
A,B
2 'polypeptide(L)' (PBE)PKTSGKAA D,E
#
loop_
_chem_comp.id
_chem_comp.type
_chem_comp.name
_chem_comp.formula
PBE non-polymer 1,1-DIMETHYL-PROLINIUM 'C7 H14 N O2 1'
SAH non-polymer S-ADENOSYL-L-HOMOCYSTEINE 'C14 H20 N6 O5 S'
#
# COMPACT_ATOMS: atom_id res chain seq x y z
N GLY A 13 -13.47 16.76 31.05
CA GLY A 13 -14.69 16.71 30.27
C GLY A 13 -14.49 15.96 28.96
N LEU A 14 -15.57 15.83 28.19
CA LEU A 14 -15.52 15.04 26.96
C LEU A 14 -15.17 15.86 25.72
N VAL A 15 -15.37 17.17 25.77
CA VAL A 15 -15.20 18.00 24.57
C VAL A 15 -13.71 18.23 24.27
N PRO A 16 -13.22 17.67 23.14
CA PRO A 16 -11.80 17.78 22.82
C PRO A 16 -11.43 19.16 22.28
N ARG A 17 -10.13 19.44 22.21
CA ARG A 17 -9.65 20.74 21.74
C ARG A 17 -10.13 21.02 20.32
N GLY A 18 -10.28 19.95 19.55
CA GLY A 18 -10.74 20.06 18.18
C GLY A 18 -11.20 18.72 17.67
N SER A 19 -11.81 18.73 16.50
CA SER A 19 -12.29 17.49 15.89
C SER A 19 -11.24 16.93 14.96
N HIS A 20 -11.24 15.61 14.75
CA HIS A 20 -10.30 15.02 13.79
C HIS A 20 -10.93 13.98 12.87
N MET A 21 -12.27 13.95 12.82
CA MET A 21 -12.98 13.04 11.91
C MET A 21 -14.37 13.59 11.61
N THR A 22 -14.95 13.17 10.48
CA THR A 22 -16.23 13.76 10.06
C THR A 22 -17.42 13.44 10.97
N SER A 23 -17.35 12.30 11.66
CA SER A 23 -18.43 11.94 12.58
C SER A 23 -18.53 12.91 13.76
N GLU A 24 -17.50 13.73 13.96
CA GLU A 24 -17.53 14.72 15.03
C GLU A 24 -18.17 16.04 14.59
N VAL A 25 -18.31 16.25 13.28
CA VAL A 25 -18.82 17.52 12.79
C VAL A 25 -20.08 17.41 11.93
N ILE A 26 -20.40 16.21 11.47
CA ILE A 26 -21.59 16.01 10.64
C ILE A 26 -22.75 15.47 11.48
N GLU A 27 -23.76 16.30 11.64
CA GLU A 27 -24.90 15.97 12.51
C GLU A 27 -25.79 14.88 11.94
N ASP A 28 -26.02 14.96 10.63
CA ASP A 28 -27.00 14.12 9.94
C ASP A 28 -26.47 13.90 8.54
N GLU A 29 -26.01 12.68 8.25
CA GLU A 29 -25.38 12.41 6.97
C GLU A 29 -26.32 12.65 5.78
N LYS A 30 -27.57 12.23 5.90
CA LYS A 30 -28.52 12.47 4.81
C LYS A 30 -28.65 13.96 4.48
N GLN A 31 -28.75 14.79 5.51
CA GLN A 31 -28.84 16.23 5.29
C GLN A 31 -27.52 16.82 4.80
N PHE A 32 -26.40 16.25 5.22
CA PHE A 32 -25.08 16.69 4.74
C PHE A 32 -25.02 16.57 3.23
N TYR A 33 -25.45 15.44 2.70
CA TYR A 33 -25.46 15.25 1.26
C TYR A 33 -26.55 16.05 0.54
N SER A 34 -27.75 16.07 1.10
CA SER A 34 -28.84 16.76 0.40
C SER A 34 -28.61 18.27 0.34
N LYS A 35 -28.09 18.85 1.40
CA LYS A 35 -27.78 20.28 1.40
C LYS A 35 -26.70 20.64 0.40
N ALA A 36 -25.70 19.76 0.27
CA ALA A 36 -24.63 19.98 -0.71
C ALA A 36 -25.16 19.93 -2.14
N LYS A 37 -26.04 18.97 -2.41
CA LYS A 37 -26.61 18.87 -3.74
C LYS A 37 -27.41 20.13 -4.08
N THR A 38 -28.20 20.60 -3.12
CA THR A 38 -28.98 21.82 -3.29
C THR A 38 -28.08 23.04 -3.53
N TYR A 39 -27.00 23.13 -2.76
CA TYR A 39 -26.05 24.22 -2.92
C TYR A 39 -25.54 24.30 -4.36
N TRP A 40 -25.11 23.17 -4.90
CA TRP A 40 -24.48 23.19 -6.22
C TRP A 40 -25.47 23.46 -7.36
N LYS A 41 -26.74 23.14 -7.12
CA LYS A 41 -27.78 23.42 -8.10
C LYS A 41 -27.94 24.92 -8.31
N GLN A 42 -27.51 25.71 -7.33
CA GLN A 42 -27.73 27.15 -7.34
C GLN A 42 -26.50 27.95 -7.79
N ILE A 43 -25.44 27.25 -8.18
CA ILE A 43 -24.20 27.90 -8.58
C ILE A 43 -24.14 28.07 -10.10
N PRO A 44 -23.75 29.27 -10.58
CA PRO A 44 -23.62 29.45 -12.02
C PRO A 44 -22.61 28.48 -12.64
N PRO A 45 -22.91 27.93 -13.83
CA PRO A 45 -22.07 26.92 -14.47
C PRO A 45 -20.89 27.56 -15.18
N THR A 46 -20.04 28.22 -14.41
CA THR A 46 -18.91 28.98 -14.92
C THR A 46 -17.65 28.62 -14.15
N VAL A 47 -16.49 29.00 -14.68
CA VAL A 47 -15.24 28.75 -14.01
C VAL A 47 -15.20 29.40 -12.63
N ASP A 48 -15.70 30.63 -12.54
CA ASP A 48 -15.72 31.31 -11.25
C ASP A 48 -16.66 30.62 -10.26
N GLY A 49 -17.74 30.02 -10.79
CA GLY A 49 -18.65 29.25 -9.97
C GLY A 49 -17.99 27.99 -9.43
N MET A 50 -17.28 27.28 -10.30
CA MET A 50 -16.55 26.09 -9.89
C MET A 50 -15.54 26.43 -8.80
N LEU A 51 -14.94 27.62 -8.89
CA LEU A 51 -13.85 27.98 -8.00
C LEU A 51 -14.26 28.92 -6.88
N GLY A 52 -15.56 29.04 -6.65
CA GLY A 52 -16.07 29.82 -5.52
C GLY A 52 -15.55 31.25 -5.46
N GLY A 53 -15.45 31.89 -6.62
CA GLY A 53 -15.01 33.28 -6.68
C GLY A 53 -13.54 33.43 -7.01
N TYR A 54 -12.84 32.31 -7.18
CA TYR A 54 -11.42 32.33 -7.47
C TYR A 54 -11.07 31.94 -8.91
N GLY A 55 -11.97 32.26 -9.83
CA GLY A 55 -11.73 32.03 -11.24
C GLY A 55 -10.41 32.62 -11.71
N HIS A 56 -9.99 33.69 -11.05
CA HIS A 56 -8.78 34.38 -11.47
C HIS A 56 -7.49 33.63 -11.17
N ILE A 57 -7.56 32.53 -10.42
CA ILE A 57 -6.36 31.72 -10.20
C ILE A 57 -6.42 30.35 -10.87
N SER A 58 -7.38 30.17 -11.78
CA SER A 58 -7.53 28.90 -12.47
C SER A 58 -6.24 28.51 -13.20
N SER A 59 -5.61 29.46 -13.87
CA SER A 59 -4.39 29.15 -14.61
C SER A 59 -3.25 28.73 -13.69
N ILE A 60 -3.12 29.39 -12.54
CA ILE A 60 -2.10 29.01 -11.58
C ILE A 60 -2.28 27.57 -11.13
N ASP A 61 -3.53 27.21 -10.83
CA ASP A 61 -3.88 25.84 -10.48
C ASP A 61 -3.53 24.84 -11.60
N ILE A 62 -4.05 25.10 -12.79
CA ILE A 62 -3.88 24.19 -13.93
C ILE A 62 -2.41 23.98 -14.28
N ASN A 63 -1.65 25.07 -14.35
CA ASN A 63 -0.24 24.97 -14.70
C ASN A 63 0.57 24.15 -13.71
N SER A 64 0.28 24.30 -12.43
CA SER A 64 0.94 23.49 -11.42
C SER A 64 0.52 22.04 -11.52
N SER A 65 -0.77 21.82 -11.75
CA SER A 65 -1.27 20.45 -11.93
C SER A 65 -0.57 19.77 -13.10
N ARG A 66 -0.42 20.49 -14.20
CA ARG A 66 0.20 19.91 -15.39
C ARG A 66 1.63 19.48 -15.09
N LYS A 67 2.38 20.32 -14.40
CA LYS A 67 3.74 20.00 -14.03
C LYS A 67 3.78 18.80 -13.10
N PHE A 68 2.84 18.75 -12.16
CA PHE A 68 2.74 17.65 -11.21
C PHE A 68 2.49 16.33 -11.94
N LEU A 69 1.53 16.36 -12.86
CA LEU A 69 1.09 15.16 -13.56
C LEU A 69 2.10 14.69 -14.62
N GLN A 70 2.72 15.64 -15.30
CA GLN A 70 3.62 15.30 -16.41
C GLN A 70 4.79 14.41 -16.00
N ARG A 71 5.22 14.52 -14.74
CA ARG A 71 6.31 13.70 -14.26
C ARG A 71 5.98 12.23 -14.34
N PHE A 72 4.71 11.91 -14.11
CA PHE A 72 4.24 10.53 -14.16
C PHE A 72 4.03 10.05 -15.59
N LEU A 73 3.72 10.98 -16.48
CA LEU A 73 3.44 10.64 -17.87
C LEU A 73 4.71 10.60 -18.72
N ARG A 74 5.70 11.42 -18.37
CA ARG A 74 6.84 11.63 -19.23
C ARG A 74 8.14 11.00 -18.74
N GLU A 75 8.21 10.70 -17.44
CA GLU A 75 9.46 10.24 -16.84
C GLU A 75 9.38 8.82 -16.29
N GLY A 76 10.54 8.18 -16.19
CA GLY A 76 10.64 6.86 -15.59
C GLY A 76 10.51 5.71 -16.57
N PRO A 77 10.83 4.50 -16.11
CA PRO A 77 10.71 3.27 -16.90
C PRO A 77 9.30 2.67 -16.84
N ASN A 78 8.49 3.14 -15.90
CA ASN A 78 7.11 2.66 -15.77
C ASN A 78 6.10 3.79 -15.88
N LYS A 79 6.09 4.43 -17.03
CA LYS A 79 5.24 5.60 -17.24
C LYS A 79 3.76 5.32 -17.11
N THR A 80 3.04 6.29 -16.55
CA THR A 80 1.59 6.26 -16.55
C THR A 80 1.09 6.49 -17.97
N GLY A 81 0.08 5.72 -18.37
CA GLY A 81 -0.48 5.82 -19.71
C GLY A 81 -1.30 7.07 -19.96
N THR A 82 -1.64 7.29 -21.23
CA THR A 82 -2.40 8.47 -21.63
C THR A 82 -3.63 8.09 -22.45
N SER A 83 -4.14 6.89 -22.22
CA SER A 83 -5.30 6.41 -22.96
CA SER A 83 -5.30 6.40 -22.95
C SER A 83 -6.61 6.97 -22.40
N CYS A 84 -6.77 6.93 -21.09
CA CYS A 84 -8.05 7.30 -20.47
CA CYS A 84 -8.05 7.31 -20.48
C CYS A 84 -7.85 7.92 -19.10
N ALA A 85 -8.54 9.03 -18.85
CA ALA A 85 -8.53 9.65 -17.53
C ALA A 85 -9.96 9.84 -17.07
N LEU A 86 -10.15 9.86 -15.75
CA LEU A 86 -11.46 10.12 -15.15
C LEU A 86 -11.37 11.38 -14.30
N ASP A 87 -12.24 12.33 -14.55
CA ASP A 87 -12.27 13.60 -13.82
C ASP A 87 -13.42 13.53 -12.82
N CYS A 88 -13.09 13.49 -11.53
CA CYS A 88 -14.09 13.29 -10.47
C CYS A 88 -14.53 14.60 -9.83
N GLY A 89 -15.85 14.79 -9.72
CA GLY A 89 -16.39 16.08 -9.29
C GLY A 89 -16.04 17.12 -10.33
N ALA A 90 -16.19 16.74 -11.60
CA ALA A 90 -15.62 17.50 -12.71
C ALA A 90 -16.28 18.85 -12.98
N GLY A 91 -17.50 19.03 -12.49
CA GLY A 91 -18.26 20.24 -12.78
C GLY A 91 -18.43 20.43 -14.28
N ILE A 92 -18.22 21.66 -14.73
CA ILE A 92 -18.36 21.99 -16.16
C ILE A 92 -17.16 21.57 -17.00
N GLY A 93 -16.14 21.01 -16.36
CA GLY A 93 -14.95 20.56 -17.06
C GLY A 93 -13.78 21.52 -17.14
N ARG A 94 -13.63 22.37 -16.13
CA ARG A 94 -12.49 23.30 -16.08
C ARG A 94 -11.17 22.53 -16.21
N ILE A 95 -11.05 21.45 -15.46
CA ILE A 95 -9.85 20.63 -15.44
C ILE A 95 -9.78 19.72 -16.68
N THR A 96 -10.92 19.16 -17.05
CA THR A 96 -10.99 18.35 -18.26
C THR A 96 -10.52 19.15 -19.49
N LYS A 97 -10.93 20.42 -19.57
CA LYS A 97 -10.57 21.24 -20.74
C LYS A 97 -9.09 21.54 -20.84
N ARG A 98 -8.49 22.04 -19.76
CA ARG A 98 -7.13 22.56 -19.83
C ARG A 98 -6.04 21.61 -19.35
N LEU A 99 -6.39 20.62 -18.52
CA LEU A 99 -5.40 19.67 -18.03
C LEU A 99 -5.49 18.32 -18.75
N LEU A 100 -6.67 17.71 -18.72
CA LEU A 100 -6.80 16.30 -19.10
C LEU A 100 -6.95 16.05 -20.60
N LEU A 101 -7.89 16.74 -21.26
CA LEU A 101 -8.09 16.54 -22.70
C LEU A 101 -6.82 16.75 -23.55
N PRO A 102 -5.98 17.73 -23.20
CA PRO A 102 -4.74 17.86 -23.99
C PRO A 102 -3.72 16.74 -23.74
N LEU A 103 -3.91 15.96 -22.67
CA LEU A 103 -2.93 14.93 -22.31
C LEU A 103 -3.40 13.49 -22.53
N PHE A 104 -4.71 13.30 -22.56
CA PHE A 104 -5.29 11.96 -22.66
C PHE A 104 -6.18 11.83 -23.89
N ARG A 105 -6.11 10.69 -24.56
CA ARG A 105 -6.90 10.48 -25.76
C ARG A 105 -8.38 10.57 -25.45
N GLU A 106 -8.73 10.11 -24.26
CA GLU A 106 -10.13 9.98 -23.88
C GLU A 106 -10.29 10.36 -22.42
N VAL A 107 -11.37 11.08 -22.11
CA VAL A 107 -11.67 11.45 -20.72
C VAL A 107 -13.13 11.14 -20.40
N ASP A 108 -13.38 10.60 -19.19
CA ASP A 108 -14.74 10.50 -18.66
C ASP A 108 -14.89 11.54 -17.56
N MET A 109 -16.11 12.03 -17.36
CA MET A 109 -16.39 12.98 -16.29
C MET A 109 -17.46 12.40 -15.38
N VAL A 110 -17.31 12.59 -14.08
CA VAL A 110 -18.37 12.23 -13.14
C VAL A 110 -18.66 13.42 -12.22
N ASP A 111 -19.94 13.76 -12.08
CA ASP A 111 -20.35 14.85 -11.21
C ASP A 111 -21.79 14.65 -10.79
N ILE A 112 -22.14 15.13 -9.58
CA ILE A 112 -23.47 14.95 -9.07
C ILE A 112 -24.49 15.89 -9.73
N THR A 113 -24.00 16.97 -10.32
CA THR A 113 -24.86 18.04 -10.84
C THR A 113 -25.03 17.94 -12.37
N GLU A 114 -26.17 17.43 -12.81
CA GLU A 114 -26.36 17.19 -14.25
C GLU A 114 -26.19 18.45 -15.09
N ASP A 115 -26.65 19.59 -14.58
CA ASP A 115 -26.57 20.83 -15.35
C ASP A 115 -25.13 21.25 -15.66
N PHE A 116 -24.19 20.84 -14.80
CA PHE A 116 -22.77 21.12 -15.08
C PHE A 116 -22.26 20.24 -16.21
N LEU A 117 -22.72 18.99 -16.23
CA LEU A 117 -22.32 18.06 -17.28
C LEU A 117 -22.91 18.50 -18.60
N VAL A 118 -24.11 19.07 -18.55
CA VAL A 118 -24.75 19.61 -19.75
C VAL A 118 -23.97 20.83 -20.25
N GLN A 119 -23.60 21.72 -19.34
CA GLN A 119 -22.82 22.89 -19.71
C GLN A 119 -21.48 22.50 -20.31
N ALA A 120 -20.92 21.41 -19.79
CA ALA A 120 -19.62 20.91 -20.26
C ALA A 120 -19.58 20.68 -21.77
N LYS A 121 -20.67 20.17 -22.33
CA LYS A 121 -20.75 19.92 -23.76
C LYS A 121 -20.50 21.21 -24.56
N THR A 122 -20.96 22.33 -24.02
CA THR A 122 -20.72 23.64 -24.62
C THR A 122 -19.33 24.16 -24.26
N TYR A 123 -19.02 24.14 -22.97
CA TYR A 123 -17.75 24.67 -22.45
C TYR A 123 -16.53 24.01 -23.09
N LEU A 124 -16.59 22.70 -23.30
CA LEU A 124 -15.45 21.95 -23.81
C LEU A 124 -15.24 22.08 -25.30
N GLY A 125 -16.27 22.56 -26.00
CA GLY A 125 -16.17 22.78 -27.45
C GLY A 125 -15.81 21.54 -28.24
N GLU A 126 -15.06 21.72 -29.32
CA GLU A 126 -14.75 20.64 -30.25
C GLU A 126 -13.94 19.53 -29.59
N GLU A 127 -12.98 19.89 -28.75
CA GLU A 127 -12.14 18.91 -28.06
C GLU A 127 -12.98 18.04 -27.11
N GLY A 128 -14.14 18.54 -26.72
CA GLY A 128 -15.07 17.82 -25.87
C GLY A 128 -15.66 16.58 -26.52
N LYS A 129 -15.48 16.43 -27.83
CA LYS A 129 -15.95 15.23 -28.50
C LYS A 129 -15.18 14.00 -28.01
N ARG A 130 -14.02 14.23 -27.40
CA ARG A 130 -13.22 13.16 -26.83
C ARG A 130 -13.57 12.86 -25.37
N VAL A 131 -14.58 13.54 -24.85
CA VAL A 131 -15.16 13.11 -23.57
C VAL A 131 -16.14 12.00 -23.88
N ARG A 132 -15.88 10.81 -23.36
CA ARG A 132 -16.69 9.66 -23.72
C ARG A 132 -17.93 9.54 -22.84
N ASN A 133 -17.72 9.31 -21.54
CA ASN A 133 -18.85 9.18 -20.63
C ASN A 133 -19.03 10.39 -19.74
N TYR A 134 -20.27 10.86 -19.63
CA TYR A 134 -20.63 11.90 -18.67
C TYR A 134 -21.49 11.24 -17.61
N PHE A 135 -20.86 10.81 -16.51
CA PHE A 135 -21.58 10.11 -15.47
C PHE A 135 -22.22 11.10 -14.51
N CYS A 136 -23.54 11.06 -14.37
CA CYS A 136 -24.20 11.88 -13.36
C CYS A 136 -24.47 11.04 -12.12
N CYS A 137 -23.66 11.25 -11.09
CA CYS A 137 -23.66 10.38 -9.93
C CYS A 137 -22.87 11.02 -8.81
N GLY A 138 -23.30 10.81 -7.56
CA GLY A 138 -22.50 11.21 -6.42
C GLY A 138 -21.34 10.24 -6.29
N LEU A 139 -20.15 10.71 -5.92
CA LEU A 139 -19.01 9.82 -5.78
C LEU A 139 -19.29 8.69 -4.79
N GLN A 140 -20.09 8.98 -3.77
CA GLN A 140 -20.43 8.01 -2.74
C GLN A 140 -21.21 6.82 -3.31
N ASP A 141 -21.80 7.00 -4.50
CA ASP A 141 -22.56 5.94 -5.14
C ASP A 141 -21.94 5.46 -6.45
N PHE A 142 -20.73 5.93 -6.74
CA PHE A 142 -20.11 5.69 -8.05
C PHE A 142 -19.05 4.61 -7.99
N THR A 143 -19.11 3.68 -8.94
CA THR A 143 -18.06 2.66 -9.05
C THR A 143 -17.37 2.80 -10.39
N PRO A 144 -16.16 3.36 -10.38
CA PRO A 144 -15.40 3.45 -11.63
C PRO A 144 -15.06 2.05 -12.11
N GLU A 145 -15.08 1.83 -13.42
CA GLU A 145 -14.93 0.49 -13.97
C GLU A 145 -13.55 -0.09 -13.69
N PRO A 146 -13.49 -1.36 -13.27
CA PRO A 146 -12.20 -2.03 -13.05
C PRO A 146 -11.29 -1.95 -14.26
N ASP A 147 -10.01 -1.71 -14.02
CA ASP A 147 -8.98 -1.74 -15.07
C ASP A 147 -9.33 -0.83 -16.24
N SER A 148 -9.58 0.44 -15.95
CA SER A 148 -10.13 1.35 -16.96
C SER A 148 -9.44 2.70 -17.14
N TYR A 149 -8.83 3.22 -16.09
CA TYR A 149 -8.26 4.56 -16.17
C TYR A 149 -6.77 4.61 -15.87
N ASP A 150 -6.04 5.39 -16.67
CA ASP A 150 -4.65 5.67 -16.39
C ASP A 150 -4.51 6.66 -15.25
N VAL A 151 -5.38 7.65 -15.22
CA VAL A 151 -5.36 8.67 -14.18
C VAL A 151 -6.78 8.93 -13.72
N ILE A 152 -6.98 8.90 -12.40
CA ILE A 152 -8.25 9.30 -11.82
C ILE A 152 -7.95 10.58 -11.04
N TRP A 153 -8.54 11.68 -11.50
CA TRP A 153 -8.24 13.01 -10.97
C TRP A 153 -9.39 13.46 -10.09
N ILE A 154 -9.11 13.67 -8.81
CA ILE A 154 -10.14 14.06 -7.85
C ILE A 154 -9.77 15.40 -7.24
N GLN A 155 -10.45 16.46 -7.65
CA GLN A 155 -10.05 17.79 -7.21
C GLN A 155 -11.20 18.65 -6.67
N TRP A 156 -10.99 19.22 -5.49
CA TRP A 156 -11.91 20.17 -4.88
C TRP A 156 -13.31 19.57 -4.74
N VAL A 157 -13.33 18.35 -4.21
CA VAL A 157 -14.58 17.65 -3.99
C VAL A 157 -14.53 16.66 -2.81
N ILE A 158 -13.33 16.33 -2.31
CA ILE A 158 -13.28 15.30 -1.26
C ILE A 158 -13.98 15.74 0.03
N GLY A 159 -14.09 17.05 0.23
CA GLY A 159 -14.76 17.56 1.41
C GLY A 159 -16.25 17.30 1.40
N HIS A 160 -16.79 16.86 0.27
CA HIS A 160 -18.20 16.55 0.18
C HIS A 160 -18.54 15.11 0.53
N LEU A 161 -17.53 14.30 0.81
CA LEU A 161 -17.77 12.93 1.24
C LEU A 161 -17.46 12.74 2.72
N THR A 162 -18.24 11.90 3.38
CA THR A 162 -17.91 11.48 4.74
C THR A 162 -16.63 10.66 4.71
N ASP A 163 -16.00 10.49 5.88
CA ASP A 163 -14.79 9.65 5.94
C ASP A 163 -15.00 8.23 5.41
N GLN A 164 -16.08 7.57 5.81
CA GLN A 164 -16.33 6.21 5.36
C GLN A 164 -16.54 6.17 3.85
N HIS A 165 -17.32 7.11 3.32
CA HIS A 165 -17.56 7.15 1.88
C HIS A 165 -16.29 7.47 1.09
N LEU A 166 -15.45 8.36 1.62
CA LEU A 166 -14.22 8.72 0.93
C LEU A 166 -13.26 7.54 0.91
N ALA A 167 -13.14 6.85 2.04
CA ALA A 167 -12.26 5.69 2.11
C ALA A 167 -12.70 4.62 1.12
N GLU A 168 -14.00 4.35 1.08
CA GLU A 168 -14.51 3.31 0.18
C GLU A 168 -14.39 3.74 -1.28
N PHE A 169 -14.66 5.01 -1.55
CA PHE A 169 -14.54 5.51 -2.92
C PHE A 169 -13.12 5.37 -3.42
N LEU A 170 -12.15 5.74 -2.60
CA LEU A 170 -10.74 5.61 -3.00
C LEU A 170 -10.36 4.15 -3.24
N ARG A 171 -10.91 3.24 -2.44
CA ARG A 171 -10.67 1.82 -2.62
C ARG A 171 -11.22 1.33 -3.95
N ARG A 172 -12.42 1.79 -4.31
CA ARG A 172 -12.99 1.44 -5.61
C ARG A 172 -12.16 2.02 -6.74
N CYS A 173 -11.65 3.23 -6.55
CA CYS A 173 -10.79 3.85 -7.56
C CYS A 173 -9.55 3.02 -7.80
N LYS A 174 -8.97 2.47 -6.73
CA LYS A 174 -7.75 1.70 -6.85
C LYS A 174 -7.95 0.53 -7.82
N GLY A 175 -9.10 -0.12 -7.70
CA GLY A 175 -9.41 -1.26 -8.55
C GLY A 175 -9.66 -0.88 -9.99
N SER A 176 -9.86 0.42 -10.23
CA SER A 176 -10.18 0.96 -11.54
C SER A 176 -8.93 1.36 -12.33
N LEU A 177 -7.79 1.40 -11.67
CA LEU A 177 -6.54 1.83 -12.32
C LEU A 177 -5.95 0.80 -13.28
N ARG A 178 -5.47 1.30 -14.41
N ARG A 178 -5.47 1.29 -14.42
N ARG A 178 -5.47 1.30 -14.42
CA ARG A 178 -4.70 0.50 -15.36
CA ARG A 178 -4.73 0.45 -15.35
CA ARG A 178 -4.70 0.50 -15.36
C ARG A 178 -3.30 0.29 -14.78
C ARG A 178 -3.28 0.36 -14.87
C ARG A 178 -3.30 0.30 -14.79
N PRO A 179 -2.50 -0.61 -15.38
CA PRO A 179 -1.10 -0.74 -14.96
C PRO A 179 -0.34 0.59 -15.03
N ASN A 180 0.41 0.88 -13.96
CA ASN A 180 1.10 2.17 -13.77
C ASN A 180 0.17 3.35 -13.52
N GLY A 181 -1.13 3.09 -13.39
CA GLY A 181 -2.09 4.16 -13.19
C GLY A 181 -1.96 4.84 -11.84
N ILE A 182 -2.44 6.07 -11.76
CA ILE A 182 -2.44 6.78 -10.49
C ILE A 182 -3.77 7.46 -10.21
N ILE A 183 -4.03 7.67 -8.92
CA ILE A 183 -5.10 8.55 -8.47
C ILE A 183 -4.43 9.83 -7.98
N VAL A 184 -4.97 10.98 -8.36
CA VAL A 184 -4.52 12.25 -7.78
C VAL A 184 -5.66 12.89 -7.01
N ILE A 185 -5.39 13.22 -5.75
CA ILE A 185 -6.28 14.06 -4.96
C ILE A 185 -5.65 15.44 -4.88
N LYS A 186 -6.38 16.45 -5.31
CA LYS A 186 -5.91 17.83 -5.12
C LYS A 186 -7.03 18.58 -4.42
N ASP A 187 -6.77 19.09 -3.22
CA ASP A 187 -7.86 19.65 -2.44
C ASP A 187 -7.40 20.53 -1.30
N ASN A 188 -8.36 21.21 -0.69
CA ASN A 188 -8.09 22.04 0.48
C ASN A 188 -7.69 21.17 1.65
N MET A 189 -6.73 21.66 2.41
CA MET A 189 -6.28 21.00 3.63
C MET A 189 -6.33 22.00 4.77
N ALA A 190 -6.88 21.58 5.89
CA ALA A 190 -6.93 22.45 7.07
C ALA A 190 -5.61 22.41 7.80
N GLN A 191 -5.27 23.51 8.48
CA GLN A 191 -4.05 23.53 9.30
C GLN A 191 -4.13 22.46 10.39
N GLU A 192 -5.30 22.35 11.01
CA GLU A 192 -5.48 21.36 12.07
C GLU A 192 -6.94 20.93 12.19
N GLY A 193 -7.16 19.63 12.30
CA GLY A 193 -8.48 19.09 12.58
C GLY A 193 -9.37 18.91 11.36
N VAL A 194 -10.68 18.90 11.60
CA VAL A 194 -11.68 18.78 10.55
C VAL A 194 -12.70 19.89 10.76
N ILE A 195 -12.85 20.76 9.77
CA ILE A 195 -13.67 21.96 9.86
C ILE A 195 -14.89 21.89 8.94
N LEU A 196 -16.08 22.10 9.49
CA LEU A 196 -17.32 22.09 8.72
C LEU A 196 -17.63 23.45 8.10
N ASP A 197 -17.92 23.45 6.80
CA ASP A 197 -18.49 24.61 6.13
C ASP A 197 -19.97 24.31 5.97
N ASP A 198 -20.82 24.96 6.77
CA ASP A 198 -22.24 24.64 6.78
C ASP A 198 -23.00 25.37 5.68
N VAL A 199 -22.30 26.20 4.90
CA VAL A 199 -22.93 26.88 3.79
C VAL A 199 -22.98 26.00 2.53
N ASP A 200 -21.85 25.44 2.13
CA ASP A 200 -21.86 24.48 1.02
C ASP A 200 -21.99 23.01 1.44
N SER A 201 -22.00 22.78 2.76
CA SER A 201 -22.14 21.44 3.31
C SER A 201 -20.98 20.54 2.90
N SER A 202 -19.79 20.92 3.36
CA SER A 202 -18.58 20.17 3.11
C SER A 202 -17.63 20.31 4.29
N VAL A 203 -16.59 19.49 4.33
CA VAL A 203 -15.58 19.59 5.37
C VAL A 203 -14.20 19.85 4.77
N CYS A 204 -13.31 20.40 5.60
CA CYS A 204 -11.91 20.54 5.26
C CYS A 204 -11.09 19.80 6.32
N ARG A 205 -10.27 18.84 5.88
CA ARG A 205 -9.53 17.97 6.77
C ARG A 205 -8.05 18.30 6.75
N ASP A 206 -7.36 18.09 7.88
CA ASP A 206 -5.92 18.33 7.91
C ASP A 206 -5.13 17.20 7.22
N LEU A 207 -3.84 17.41 7.06
CA LEU A 207 -2.99 16.46 6.33
C LEU A 207 -3.02 15.08 6.97
N ASP A 208 -3.01 15.03 8.30
CA ASP A 208 -2.98 13.74 8.99
C ASP A 208 -4.25 12.95 8.75
N VAL A 209 -5.40 13.64 8.80
CA VAL A 209 -6.68 12.98 8.58
C VAL A 209 -6.71 12.40 7.17
N VAL A 210 -6.29 13.20 6.19
CA VAL A 210 -6.30 12.73 4.81
C VAL A 210 -5.33 11.56 4.60
N ARG A 211 -4.15 11.62 5.20
CA ARG A 211 -3.21 10.50 5.13
C ARG A 211 -3.81 9.22 5.70
N ARG A 212 -4.54 9.35 6.80
CA ARG A 212 -5.16 8.18 7.41
C ARG A 212 -6.20 7.55 6.48
N ILE A 213 -6.97 8.39 5.80
CA ILE A 213 -8.01 7.90 4.90
C ILE A 213 -7.38 7.23 3.67
N ILE A 214 -6.33 7.85 3.14
CA ILE A 214 -5.61 7.25 2.01
C ILE A 214 -5.09 5.85 2.38
N CYS A 215 -4.46 5.76 3.54
CA CYS A 215 -3.95 4.48 4.04
CA CYS A 215 -3.95 4.48 4.04
C CYS A 215 -5.07 3.44 4.18
N SER A 216 -6.21 3.87 4.71
CA SER A 216 -7.32 2.95 4.93
C SER A 216 -7.91 2.40 3.63
N ALA A 217 -7.68 3.11 2.52
CA ALA A 217 -8.15 2.66 1.22
C ALA A 217 -7.16 1.69 0.57
N GLY A 218 -6.03 1.47 1.24
CA GLY A 218 -5.01 0.56 0.73
C GLY A 218 -4.14 1.21 -0.33
N LEU A 219 -4.02 2.54 -0.27
CA LEU A 219 -3.25 3.28 -1.26
C LEU A 219 -1.89 3.71 -0.73
N SER A 220 -0.92 3.77 -1.63
CA SER A 220 0.44 4.20 -1.31
C SER A 220 0.71 5.59 -1.89
N LEU A 221 1.44 6.40 -1.14
CA LEU A 221 1.77 7.76 -1.56
C LEU A 221 2.98 7.81 -2.49
N LEU A 222 2.79 8.41 -3.66
CA LEU A 222 3.87 8.54 -4.64
C LEU A 222 4.46 9.96 -4.62
N ALA A 223 3.63 10.95 -4.35
CA ALA A 223 4.08 12.34 -4.30
C ALA A 223 3.09 13.17 -3.49
N GLU A 224 3.59 14.21 -2.82
CA GLU A 224 2.74 15.09 -2.03
C GLU A 224 3.31 16.50 -2.13
N GLU A 225 2.53 17.41 -2.69
CA GLU A 225 3.03 18.73 -3.04
C GLU A 225 2.04 19.83 -2.67
N ARG A 226 2.50 20.82 -1.91
CA ARG A 226 1.65 21.97 -1.60
C ARG A 226 1.64 22.95 -2.76
N GLN A 227 0.44 23.37 -3.15
CA GLN A 227 0.27 24.32 -4.23
C GLN A 227 0.81 25.69 -3.82
N GLU A 228 1.72 26.21 -4.63
CA GLU A 228 2.29 27.52 -4.38
C GLU A 228 1.46 28.62 -5.03
N ASN A 229 1.75 29.85 -4.65
CA ASN A 229 1.21 31.02 -5.33
C ASN A 229 -0.30 31.22 -5.28
N LEU A 230 -0.95 30.63 -4.27
CA LEU A 230 -2.38 30.85 -4.10
C LEU A 230 -2.69 32.04 -3.19
N PRO A 231 -3.89 32.62 -3.32
CA PRO A 231 -4.38 33.69 -2.44
C PRO A 231 -4.07 33.46 -0.98
N ASP A 232 -3.66 34.50 -0.28
CA ASP A 232 -3.21 34.37 1.10
C ASP A 232 -4.29 33.92 2.06
N GLU A 233 -5.54 34.26 1.76
CA GLU A 233 -6.62 34.04 2.72
C GLU A 233 -7.22 32.63 2.69
N ILE A 234 -6.89 31.85 1.67
CA ILE A 234 -7.56 30.56 1.52
C ILE A 234 -6.84 29.40 2.20
N TYR A 235 -7.55 28.29 2.41
CA TYR A 235 -6.92 27.08 2.91
C TYR A 235 -5.77 26.68 1.99
N HIS A 236 -4.73 26.09 2.58
CA HIS A 236 -3.67 25.51 1.76
C HIS A 236 -4.24 24.39 0.90
N VAL A 237 -3.61 24.16 -0.24
CA VAL A 237 -4.06 23.18 -1.20
C VAL A 237 -2.92 22.21 -1.48
N TYR A 238 -3.21 20.92 -1.44
CA TYR A 238 -2.20 19.90 -1.65
C TYR A 238 -2.63 18.93 -2.72
N SER A 239 -1.63 18.41 -3.43
CA SER A 239 -1.82 17.34 -4.39
C SER A 239 -1.16 16.08 -3.88
N PHE A 240 -1.89 14.98 -3.93
CA PHE A 240 -1.35 13.66 -3.58
C PHE A 240 -1.46 12.73 -4.78
N ALA A 241 -0.34 12.15 -5.20
CA ALA A 241 -0.39 11.08 -6.20
C ALA A 241 -0.34 9.73 -5.50
N LEU A 242 -1.23 8.83 -5.89
CA LEU A 242 -1.46 7.58 -5.15
C LEU A 242 -1.62 6.39 -6.09
N ARG A 243 -1.24 5.20 -5.62
CA ARG A 243 -1.67 3.97 -6.29
C ARG A 243 -1.64 2.77 -5.36
N GLY B 18 18.13 -32.35 26.83
CA GLY B 18 17.87 -32.18 25.42
C GLY B 18 16.41 -31.86 25.14
N SER B 19 16.12 -30.60 24.86
CA SER B 19 14.75 -30.15 24.64
C SER B 19 14.14 -30.65 23.33
N HIS B 20 12.83 -30.86 23.35
CA HIS B 20 12.10 -31.35 22.19
C HIS B 20 11.19 -30.25 21.67
N MET B 21 10.95 -29.25 22.49
CA MET B 21 9.88 -28.33 22.19
C MET B 21 10.03 -26.99 22.88
N THR B 22 9.38 -25.97 22.33
CA THR B 22 9.49 -24.63 22.88
C THR B 22 8.91 -24.49 24.29
N SER B 23 7.95 -25.33 24.67
CA SER B 23 7.40 -25.22 26.02
C SER B 23 8.42 -25.59 27.08
N GLU B 24 9.51 -26.23 26.67
CA GLU B 24 10.58 -26.57 27.60
C GLU B 24 11.51 -25.38 27.90
N VAL B 25 11.45 -24.34 27.07
CA VAL B 25 12.33 -23.18 27.27
C VAL B 25 11.61 -21.83 27.36
N ILE B 26 10.35 -21.78 26.92
CA ILE B 26 9.57 -20.54 26.99
C ILE B 26 8.68 -20.54 28.23
N GLU B 27 9.04 -19.74 29.23
CA GLU B 27 8.31 -19.74 30.49
C GLU B 27 6.95 -19.04 30.43
N ASP B 28 6.85 -18.04 29.57
CA ASP B 28 5.67 -17.19 29.47
C ASP B 28 5.55 -16.75 28.02
N GLU B 29 4.58 -17.31 27.30
CA GLU B 29 4.43 -17.04 25.87
C GLU B 29 4.18 -15.57 25.57
N LYS B 30 3.32 -14.93 26.35
CA LYS B 30 3.04 -13.51 26.13
C LYS B 30 4.31 -12.66 26.20
N GLN B 31 5.17 -12.94 27.17
CA GLN B 31 6.42 -12.18 27.30
C GLN B 31 7.40 -12.52 26.20
N PHE B 32 7.40 -13.78 25.76
CA PHE B 32 8.25 -14.22 24.64
C PHE B 32 7.97 -13.36 23.42
N TYR B 33 6.69 -13.15 23.12
CA TYR B 33 6.30 -12.33 21.98
C TYR B 33 6.51 -10.83 22.21
N SER B 34 6.15 -10.35 23.39
CA SER B 34 6.27 -8.91 23.64
C SER B 34 7.73 -8.46 23.64
N LYS B 35 8.61 -9.27 24.21
CA LYS B 35 10.02 -8.93 24.27
C LYS B 35 10.62 -8.88 22.86
N ALA B 36 10.21 -9.82 22.01
CA ALA B 36 10.71 -9.83 20.64
C ALA B 36 10.25 -8.61 19.86
N LYS B 37 9.00 -8.21 20.07
CA LYS B 37 8.44 -7.04 19.39
C LYS B 37 9.23 -5.78 19.78
N THR B 38 9.48 -5.65 21.08
CA THR B 38 10.26 -4.53 21.59
C THR B 38 11.67 -4.52 21.02
N TYR B 39 12.29 -5.69 20.97
CA TYR B 39 13.65 -5.80 20.42
C TYR B 39 13.72 -5.26 19.00
N TRP B 40 12.83 -5.72 18.14
CA TRP B 40 12.90 -5.33 16.73
C TRP B 40 12.55 -3.86 16.50
N LYS B 41 11.72 -3.30 17.36
CA LYS B 41 11.38 -1.88 17.27
C LYS B 41 12.60 -0.98 17.49
N GLN B 42 13.63 -1.50 18.15
CA GLN B 42 14.82 -0.70 18.41
C GLN B 42 16.05 -1.14 17.60
N ILE B 43 15.83 -1.95 16.56
CA ILE B 43 16.88 -2.31 15.63
C ILE B 43 16.82 -1.39 14.42
N PRO B 44 17.98 -0.91 13.96
CA PRO B 44 17.98 0.01 12.80
C PRO B 44 17.47 -0.65 11.53
N PRO B 45 16.78 0.11 10.68
CA PRO B 45 16.18 -0.46 9.47
C PRO B 45 17.21 -0.61 8.34
N THR B 46 18.18 -1.49 8.57
CA THR B 46 19.32 -1.66 7.67
C THR B 46 19.56 -3.14 7.44
N VAL B 47 20.30 -3.45 6.39
CA VAL B 47 20.70 -4.83 6.11
C VAL B 47 21.46 -5.43 7.29
N ASP B 48 22.36 -4.66 7.89
CA ASP B 48 23.11 -5.17 9.04
C ASP B 48 22.20 -5.46 10.22
N GLY B 49 21.16 -4.66 10.39
CA GLY B 49 20.15 -4.89 11.42
C GLY B 49 19.37 -6.16 11.17
N MET B 50 18.98 -6.38 9.91
CA MET B 50 18.28 -7.62 9.53
C MET B 50 19.14 -8.83 9.80
N LEU B 51 20.45 -8.68 9.63
CA LEU B 51 21.38 -9.79 9.72
C LEU B 51 22.17 -9.85 11.04
N GLY B 52 21.70 -9.09 12.03
CA GLY B 52 22.25 -9.19 13.38
C GLY B 52 23.75 -8.94 13.45
N GLY B 53 24.23 -7.98 12.67
CA GLY B 53 25.64 -7.65 12.68
C GLY B 53 26.46 -8.43 11.65
N TYR B 54 25.79 -9.25 10.85
CA TYR B 54 26.45 -10.00 9.78
C TYR B 54 26.02 -9.52 8.40
N GLY B 55 25.82 -8.21 8.26
CA GLY B 55 25.43 -7.64 6.99
C GLY B 55 26.28 -8.08 5.80
N HIS B 56 27.56 -8.32 6.05
CA HIS B 56 28.49 -8.66 4.98
C HIS B 56 28.27 -10.04 4.36
N ILE B 57 27.45 -10.89 4.98
CA ILE B 57 27.18 -12.21 4.41
C ILE B 57 25.94 -12.24 3.51
N SER B 58 25.32 -11.07 3.31
CA SER B 58 24.07 -11.02 2.56
C SER B 58 24.19 -11.64 1.16
N SER B 59 25.24 -11.31 0.41
CA SER B 59 25.39 -11.83 -0.95
C SER B 59 25.58 -13.35 -0.99
N ILE B 60 26.38 -13.89 -0.07
CA ILE B 60 26.57 -15.33 0.03
C ILE B 60 25.22 -16.01 0.21
N ASP B 61 24.40 -15.46 1.10
CA ASP B 61 23.08 -16.00 1.37
C ASP B 61 22.18 -15.91 0.13
N ILE B 62 22.08 -14.72 -0.44
CA ILE B 62 21.19 -14.47 -1.58
C ILE B 62 21.55 -15.32 -2.78
N ASN B 63 22.84 -15.39 -3.09
CA ASN B 63 23.27 -16.18 -4.24
C ASN B 63 22.96 -17.67 -4.09
N SER B 64 23.09 -18.19 -2.88
CA SER B 64 22.72 -19.59 -2.63
C SER B 64 21.22 -19.80 -2.74
N SER B 65 20.44 -18.87 -2.20
CA SER B 65 18.98 -18.96 -2.28
C SER B 65 18.49 -18.96 -3.73
N ARG B 66 19.11 -18.13 -4.56
CA ARG B 66 18.77 -18.09 -5.98
C ARG B 66 19.00 -19.44 -6.64
N LYS B 67 20.14 -20.06 -6.35
CA LYS B 67 20.47 -21.36 -6.93
C LYS B 67 19.53 -22.45 -6.44
N PHE B 68 19.13 -22.35 -5.17
CA PHE B 68 18.24 -23.32 -4.56
C PHE B 68 16.87 -23.31 -5.23
N LEU B 69 16.39 -22.13 -5.56
CA LEU B 69 15.10 -21.97 -6.20
C LEU B 69 15.09 -22.51 -7.64
N GLN B 70 16.26 -22.55 -8.28
CA GLN B 70 16.40 -22.91 -9.69
C GLN B 70 15.66 -24.19 -10.14
N ARG B 71 15.83 -25.28 -9.40
CA ARG B 71 15.27 -26.55 -9.84
C ARG B 71 13.75 -26.50 -9.92
N PHE B 72 13.15 -25.64 -9.11
CA PHE B 72 11.69 -25.60 -9.03
C PHE B 72 11.03 -24.78 -10.13
N LEU B 73 11.80 -23.91 -10.75
CA LEU B 73 11.24 -22.99 -11.75
C LEU B 73 11.35 -23.50 -13.19
N ARG B 74 11.99 -24.65 -13.36
CA ARG B 74 12.19 -25.19 -14.71
C ARG B 74 10.89 -25.73 -15.31
N GLU B 75 10.79 -25.68 -16.63
CA GLU B 75 9.65 -26.26 -17.35
C GLU B 75 9.56 -27.75 -17.04
N GLY B 76 8.33 -28.22 -16.87
CA GLY B 76 8.11 -29.62 -16.57
C GLY B 76 6.79 -29.80 -15.86
N PRO B 77 6.48 -31.05 -15.50
CA PRO B 77 5.19 -31.43 -14.91
C PRO B 77 4.89 -30.67 -13.61
N ASN B 78 5.92 -30.25 -12.90
CA ASN B 78 5.74 -29.67 -11.57
C ASN B 78 6.22 -28.24 -11.44
N LYS B 79 6.38 -27.58 -12.58
CA LYS B 79 6.93 -26.23 -12.60
C LYS B 79 6.21 -25.26 -11.65
N THR B 80 6.98 -24.65 -10.75
CA THR B 80 6.48 -23.61 -9.89
C THR B 80 6.37 -22.32 -10.70
N GLY B 81 5.24 -21.63 -10.58
CA GLY B 81 5.02 -20.39 -11.32
C GLY B 81 5.86 -19.23 -10.83
N THR B 82 5.79 -18.13 -11.58
CA THR B 82 6.56 -16.94 -11.23
C THR B 82 5.68 -15.69 -11.18
N SER B 83 4.41 -15.87 -10.86
CA SER B 83 3.47 -14.75 -10.80
C SER B 83 3.55 -13.98 -9.49
N CYS B 84 3.65 -14.69 -8.36
CA CYS B 84 3.56 -14.02 -7.08
C CYS B 84 4.29 -14.78 -5.97
N ALA B 85 4.98 -14.02 -5.11
CA ALA B 85 5.67 -14.60 -3.97
C ALA B 85 5.32 -13.82 -2.72
N LEU B 86 5.40 -14.48 -1.57
CA LEU B 86 5.21 -13.86 -0.26
C LEU B 86 6.50 -13.97 0.54
N ASP B 87 6.99 -12.84 1.04
CA ASP B 87 8.20 -12.80 1.85
C ASP B 87 7.78 -12.62 3.32
N CYS B 88 8.02 -13.65 4.13
CA CYS B 88 7.56 -13.66 5.52
C CYS B 88 8.65 -13.26 6.50
N GLY B 89 8.32 -12.38 7.44
CA GLY B 89 9.33 -11.77 8.28
C GLY B 89 10.30 -11.01 7.39
N ALA B 90 9.73 -10.27 6.43
CA ALA B 90 10.51 -9.68 5.34
C ALA B 90 11.46 -8.55 5.75
N GLY B 91 11.22 -7.96 6.92
CA GLY B 91 12.00 -6.80 7.33
C GLY B 91 11.93 -5.70 6.29
N ILE B 92 13.09 -5.09 6.01
CA ILE B 92 13.16 -4.00 5.04
C ILE B 92 13.12 -4.48 3.59
N GLY B 93 13.11 -5.80 3.40
CA GLY B 93 13.05 -6.36 2.05
C GLY B 93 14.39 -6.73 1.44
N ARG B 94 15.34 -7.14 2.27
CA ARG B 94 16.64 -7.58 1.78
C ARG B 94 16.49 -8.70 0.76
N ILE B 95 15.61 -9.66 1.06
CA ILE B 95 15.39 -10.81 0.19
C ILE B 95 14.45 -10.45 -0.96
N THR B 96 13.44 -9.64 -0.66
CA THR B 96 12.52 -9.18 -1.68
C THR B 96 13.27 -8.44 -2.80
N LYS B 97 14.24 -7.62 -2.42
CA LYS B 97 15.01 -6.84 -3.39
C LYS B 97 15.83 -7.71 -4.34
N ARG B 98 16.63 -8.61 -3.78
CA ARG B 98 17.65 -9.29 -4.57
C ARG B 98 17.26 -10.69 -5.03
N LEU B 99 16.35 -11.33 -4.31
CA LEU B 99 15.91 -12.68 -4.68
C LEU B 99 14.56 -12.68 -5.38
N LEU B 100 13.56 -12.10 -4.75
CA LEU B 100 12.18 -12.32 -5.17
C LEU B 100 11.67 -11.41 -6.29
N LEU B 101 11.83 -10.09 -6.15
CA LEU B 101 11.42 -9.19 -7.22
C LEU B 101 12.01 -9.50 -8.62
N PRO B 102 13.29 -9.93 -8.68
CA PRO B 102 13.82 -10.28 -10.02
C PRO B 102 13.18 -11.51 -10.63
N LEU B 103 12.55 -12.36 -9.83
CA LEU B 103 12.03 -13.63 -10.31
C LEU B 103 10.50 -13.67 -10.42
N PHE B 104 9.82 -12.84 -9.63
CA PHE B 104 8.36 -12.89 -9.55
C PHE B 104 7.73 -11.58 -9.97
N ARG B 105 6.64 -11.67 -10.71
CA ARG B 105 5.97 -10.47 -11.24
C ARG B 105 5.49 -9.54 -10.12
N GLU B 106 4.94 -10.12 -9.06
CA GLU B 106 4.54 -9.37 -7.88
C GLU B 106 5.04 -10.05 -6.62
N VAL B 107 5.23 -9.27 -5.56
CA VAL B 107 5.61 -9.80 -4.26
C VAL B 107 4.80 -9.12 -3.17
N ASP B 108 4.35 -9.90 -2.18
CA ASP B 108 3.78 -9.36 -0.95
C ASP B 108 4.79 -9.53 0.16
N MET B 109 4.83 -8.59 1.10
CA MET B 109 5.72 -8.67 2.25
C MET B 109 4.89 -8.67 3.52
N VAL B 110 5.27 -9.50 4.50
CA VAL B 110 4.63 -9.44 5.81
C VAL B 110 5.68 -9.38 6.91
N ASP B 111 5.50 -8.46 7.86
CA ASP B 111 6.46 -8.32 8.95
C ASP B 111 5.77 -7.62 10.11
N ILE B 112 6.21 -7.92 11.32
CA ILE B 112 5.57 -7.38 12.51
C ILE B 112 6.00 -5.94 12.81
N THR B 113 7.12 -5.52 12.24
CA THR B 113 7.72 -4.22 12.58
C THR B 113 7.40 -3.17 11.52
N GLU B 114 6.52 -2.23 11.87
CA GLU B 114 6.03 -1.23 10.93
C GLU B 114 7.14 -0.42 10.24
N ASP B 115 8.13 0.02 11.02
CA ASP B 115 9.21 0.86 10.49
C ASP B 115 10.03 0.15 9.42
N PHE B 116 10.11 -1.17 9.48
CA PHE B 116 10.86 -1.89 8.46
C PHE B 116 10.09 -1.89 7.14
N LEU B 117 8.78 -2.03 7.23
CA LEU B 117 7.95 -1.95 6.04
C LEU B 117 7.94 -0.54 5.44
N VAL B 118 8.00 0.46 6.30
CA VAL B 118 8.11 1.84 5.84
C VAL B 118 9.42 2.03 5.09
N GLN B 119 10.51 1.57 5.69
CA GLN B 119 11.83 1.64 5.06
C GLN B 119 11.91 0.87 3.73
N ALA B 120 11.18 -0.24 3.64
CA ALA B 120 11.18 -1.04 2.42
C ALA B 120 10.83 -0.22 1.19
N LYS B 121 9.92 0.73 1.36
CA LYS B 121 9.47 1.59 0.25
C LYS B 121 10.64 2.24 -0.49
N THR B 122 11.60 2.78 0.24
CA THR B 122 12.74 3.44 -0.38
C THR B 122 13.90 2.49 -0.61
N TYR B 123 14.06 1.50 0.27
CA TYR B 123 15.11 0.52 0.08
C TYR B 123 14.92 -0.22 -1.25
N LEU B 124 13.68 -0.53 -1.58
CA LEU B 124 13.36 -1.28 -2.78
C LEU B 124 13.33 -0.43 -4.06
N GLY B 125 13.19 0.88 -3.91
CA GLY B 125 13.22 1.78 -5.06
C GLY B 125 12.19 1.48 -6.12
N GLU B 126 12.59 1.64 -7.39
CA GLU B 126 11.69 1.49 -8.52
C GLU B 126 11.06 0.11 -8.61
N GLU B 127 11.87 -0.93 -8.41
CA GLU B 127 11.37 -2.29 -8.49
C GLU B 127 10.36 -2.59 -7.39
N GLY B 128 10.44 -1.84 -6.29
CA GLY B 128 9.51 -1.97 -5.18
C GLY B 128 8.07 -1.64 -5.53
N LYS B 129 7.85 -1.00 -6.67
CA LYS B 129 6.49 -0.72 -7.10
C LYS B 129 5.73 -2.00 -7.37
N ARG B 130 6.45 -3.09 -7.59
CA ARG B 130 5.83 -4.38 -7.82
C ARG B 130 5.56 -5.15 -6.53
N VAL B 131 5.84 -4.53 -5.38
CA VAL B 131 5.35 -5.06 -4.11
C VAL B 131 3.89 -4.67 -3.99
N ARG B 132 3.02 -5.68 -4.02
CA ARG B 132 1.58 -5.47 -4.06
C ARG B 132 1.03 -5.08 -2.69
N ASN B 133 1.33 -5.88 -1.68
CA ASN B 133 0.87 -5.61 -0.32
C ASN B 133 2.03 -5.58 0.68
N TYR B 134 2.00 -4.60 1.58
CA TYR B 134 2.86 -4.56 2.75
C TYR B 134 2.00 -4.86 3.98
N PHE B 135 2.01 -6.11 4.44
CA PHE B 135 1.20 -6.49 5.59
C PHE B 135 1.98 -6.31 6.89
N CYS B 136 1.52 -5.42 7.76
CA CYS B 136 2.13 -5.31 9.07
C CYS B 136 1.36 -6.20 10.05
N CYS B 137 1.93 -7.35 10.37
CA CYS B 137 1.24 -8.36 11.15
C CYS B 137 2.25 -9.38 11.67
N GLY B 138 2.01 -9.91 12.86
CA GLY B 138 2.78 -11.06 13.34
C GLY B 138 2.36 -12.28 12.55
N LEU B 139 3.31 -13.17 12.25
CA LEU B 139 2.98 -14.38 11.48
C LEU B 139 1.95 -15.21 12.22
N GLN B 140 2.01 -15.17 13.54
CA GLN B 140 1.09 -15.94 14.39
C GLN B 140 -0.36 -15.47 14.26
N ASP B 141 -0.54 -14.28 13.68
CA ASP B 141 -1.87 -13.72 13.47
C ASP B 141 -2.21 -13.54 12.00
N PHE B 142 -1.34 -14.01 11.12
CA PHE B 142 -1.47 -13.74 9.68
C PHE B 142 -2.05 -14.91 8.89
N THR B 143 -3.03 -14.61 8.05
CA THR B 143 -3.60 -15.63 7.18
C THR B 143 -3.43 -15.21 5.72
N PRO B 144 -2.49 -15.86 5.02
CA PRO B 144 -2.35 -15.58 3.59
C PRO B 144 -3.58 -16.06 2.84
N GLU B 145 -4.00 -15.32 1.80
CA GLU B 145 -5.21 -15.66 1.06
C GLU B 145 -5.04 -16.92 0.22
N PRO B 146 -6.07 -17.77 0.18
CA PRO B 146 -6.05 -18.98 -0.63
C PRO B 146 -5.66 -18.71 -2.10
N ASP B 147 -4.90 -19.64 -2.69
CA ASP B 147 -4.57 -19.62 -4.11
C ASP B 147 -3.85 -18.34 -4.52
N SER B 148 -2.90 -17.88 -3.71
CA SER B 148 -2.28 -16.59 -3.98
C SER B 148 -0.81 -16.64 -4.39
N TYR B 149 -0.05 -17.60 -3.86
CA TYR B 149 1.40 -17.52 -3.97
C TYR B 149 2.05 -18.73 -4.62
N ASP B 150 3.00 -18.48 -5.50
CA ASP B 150 3.78 -19.54 -6.11
C ASP B 150 4.91 -19.94 -5.19
N VAL B 151 5.48 -18.97 -4.50
CA VAL B 151 6.53 -19.23 -3.52
C VAL B 151 6.24 -18.42 -2.27
N ILE B 152 6.29 -19.08 -1.13
CA ILE B 152 6.24 -18.43 0.17
C ILE B 152 7.60 -18.61 0.82
N TRP B 153 8.31 -17.50 1.01
CA TRP B 153 9.68 -17.51 1.51
C TRP B 153 9.72 -17.09 2.98
N ILE B 154 10.18 -17.98 3.85
CA ILE B 154 10.20 -17.73 5.29
C ILE B 154 11.64 -17.86 5.78
N GLN B 155 12.30 -16.74 6.02
CA GLN B 155 13.72 -16.78 6.35
C GLN B 155 14.08 -15.99 7.59
N TRP B 156 14.84 -16.64 8.48
CA TRP B 156 15.38 -16.01 9.68
C TRP B 156 14.29 -15.36 10.53
N VAL B 157 13.21 -16.12 10.73
CA VAL B 157 12.09 -15.65 11.52
C VAL B 157 11.34 -16.79 12.25
N ILE B 158 11.53 -18.06 11.85
CA ILE B 158 10.74 -19.13 12.49
C ILE B 158 11.01 -19.26 13.98
N GLY B 159 12.20 -18.83 14.41
CA GLY B 159 12.56 -18.87 15.81
C GLY B 159 11.73 -17.94 16.67
N HIS B 160 10.99 -17.04 16.04
CA HIS B 160 10.13 -16.11 16.77
C HIS B 160 8.72 -16.63 17.02
N LEU B 161 8.42 -17.82 16.49
CA LEU B 161 7.11 -18.44 16.74
C LEU B 161 7.23 -19.64 17.67
N THR B 162 6.25 -19.82 18.54
CA THR B 162 6.16 -21.04 19.33
C THR B 162 5.90 -22.22 18.40
N ASP B 163 6.11 -23.44 18.89
CA ASP B 163 5.86 -24.62 18.07
C ASP B 163 4.42 -24.68 17.55
N GLN B 164 3.45 -24.41 18.42
CA GLN B 164 2.05 -24.47 17.97
C GLN B 164 1.75 -23.40 16.91
N HIS B 165 2.24 -22.18 17.13
CA HIS B 165 2.02 -21.11 16.16
C HIS B 165 2.71 -21.39 14.83
N LEU B 166 3.92 -21.95 14.90
CA LEU B 166 4.64 -22.26 13.67
C LEU B 166 3.92 -23.34 12.85
N ALA B 167 3.46 -24.40 13.53
CA ALA B 167 2.73 -25.45 12.83
C ALA B 167 1.47 -24.90 12.18
N GLU B 168 0.72 -24.09 12.92
CA GLU B 168 -0.51 -23.51 12.38
C GLU B 168 -0.22 -22.53 11.24
N PHE B 169 0.82 -21.72 11.39
CA PHE B 169 1.17 -20.78 10.34
C PHE B 169 1.53 -21.50 9.05
N LEU B 170 2.33 -22.56 9.17
CA LEU B 170 2.73 -23.32 7.99
C LEU B 170 1.51 -23.97 7.30
N ARG B 171 0.54 -24.42 8.10
CA ARG B 171 -0.68 -24.99 7.58
C ARG B 171 -1.47 -23.92 6.80
N ARG B 172 -1.53 -22.70 7.34
CA ARG B 172 -2.20 -21.61 6.63
C ARG B 172 -1.49 -21.27 5.34
N CYS B 173 -0.16 -21.31 5.37
CA CYS B 173 0.63 -21.05 4.17
C CYS B 173 0.34 -22.09 3.08
N LYS B 174 0.24 -23.35 3.48
CA LYS B 174 -0.02 -24.43 2.53
C LYS B 174 -1.34 -24.14 1.80
N GLY B 175 -2.29 -23.60 2.54
CA GLY B 175 -3.59 -23.26 2.00
C GLY B 175 -3.61 -22.07 1.06
N SER B 176 -2.49 -21.36 0.95
CA SER B 176 -2.42 -20.18 0.09
C SER B 176 -1.58 -20.41 -1.16
N LEU B 177 -1.06 -21.61 -1.31
CA LEU B 177 -0.25 -21.93 -2.48
C LEU B 177 -1.06 -22.14 -3.76
N ARG B 178 -0.58 -21.55 -4.84
CA ARG B 178 -1.06 -21.86 -6.18
C ARG B 178 -0.63 -23.28 -6.56
N PRO B 179 -1.20 -23.82 -7.64
CA PRO B 179 -0.75 -25.15 -8.08
C PRO B 179 0.77 -25.19 -8.33
N ASN B 180 1.40 -26.25 -7.83
CA ASN B 180 2.86 -26.45 -7.89
C ASN B 180 3.64 -25.46 -7.04
N GLY B 181 2.94 -24.68 -6.22
CA GLY B 181 3.60 -23.73 -5.34
C GLY B 181 4.44 -24.41 -4.28
N ILE B 182 5.42 -23.69 -3.74
CA ILE B 182 6.25 -24.21 -2.66
C ILE B 182 6.42 -23.21 -1.55
N ILE B 183 6.70 -23.74 -0.36
CA ILE B 183 7.13 -22.94 0.79
C ILE B 183 8.61 -23.22 1.00
N VAL B 184 9.41 -22.19 1.19
CA VAL B 184 10.80 -22.37 1.54
C VAL B 184 11.06 -21.81 2.93
N ILE B 185 11.61 -22.64 3.82
CA ILE B 185 12.10 -22.16 5.10
C ILE B 185 13.62 -22.13 5.05
N LYS B 186 14.21 -20.99 5.38
CA LYS B 186 15.66 -20.90 5.46
C LYS B 186 16.00 -20.27 6.80
N ASP B 187 16.70 -21.00 7.67
CA ASP B 187 16.89 -20.51 9.02
C ASP B 187 18.02 -21.19 9.77
N ASN B 188 18.34 -20.64 10.94
CA ASN B 188 19.34 -21.21 11.82
C ASN B 188 18.83 -22.54 12.35
N MET B 189 19.74 -23.49 12.48
CA MET B 189 19.42 -24.77 13.10
C MET B 189 20.41 -25.04 14.22
N ALA B 190 19.91 -25.56 15.33
CA ALA B 190 20.77 -25.95 16.44
C ALA B 190 21.31 -27.35 16.20
N GLN B 191 22.48 -27.65 16.74
CA GLN B 191 23.02 -29.01 16.61
C GLN B 191 22.14 -29.99 17.38
N GLU B 192 21.62 -29.55 18.52
CA GLU B 192 20.77 -30.42 19.34
C GLU B 192 19.83 -29.60 20.22
N GLY B 193 18.57 -29.97 20.24
CA GLY B 193 17.60 -29.39 21.15
C GLY B 193 16.95 -28.09 20.70
N VAL B 194 16.49 -27.32 21.67
CA VAL B 194 15.86 -26.03 21.44
C VAL B 194 16.50 -25.00 22.37
N ILE B 195 17.07 -23.96 21.79
CA ILE B 195 17.86 -22.98 22.55
C ILE B 195 17.25 -21.59 22.50
N LEU B 196 16.95 -21.04 23.67
CA LEU B 196 16.38 -19.69 23.75
C LEU B 196 17.49 -18.63 23.73
N ASP B 197 17.33 -17.62 22.89
CA ASP B 197 18.17 -16.43 22.91
C ASP B 197 17.40 -15.33 23.61
N ASP B 198 17.83 -14.95 24.81
CA ASP B 198 17.12 -13.91 25.53
C ASP B 198 17.53 -12.50 25.11
N VAL B 199 18.40 -12.39 24.13
CA VAL B 199 18.74 -11.08 23.56
C VAL B 199 17.58 -10.59 22.67
N ASP B 200 17.13 -11.45 21.76
CA ASP B 200 16.06 -11.06 20.84
C ASP B 200 14.74 -11.80 21.07
N SER B 201 14.72 -12.67 22.09
CA SER B 201 13.54 -13.45 22.43
C SER B 201 13.11 -14.35 21.27
N SER B 202 13.97 -15.30 20.93
CA SER B 202 13.71 -16.25 19.85
C SER B 202 14.34 -17.57 20.21
N VAL B 203 13.96 -18.64 19.51
CA VAL B 203 14.54 -19.95 19.73
C VAL B 203 15.26 -20.45 18.48
N CYS B 204 16.25 -21.31 18.71
CA CYS B 204 16.90 -22.03 17.64
C CYS B 204 16.64 -23.52 17.86
N ARG B 205 16.06 -24.18 16.87
CA ARG B 205 15.67 -25.58 16.99
C ARG B 205 16.57 -26.48 16.16
N ASP B 206 16.76 -27.73 16.60
CA ASP B 206 17.50 -28.70 15.77
C ASP B 206 16.67 -29.22 14.59
N LEU B 207 17.31 -29.96 13.69
CA LEU B 207 16.66 -30.43 12.48
C LEU B 207 15.45 -31.32 12.78
N ASP B 208 15.56 -32.16 13.81
CA ASP B 208 14.47 -33.07 14.13
C ASP B 208 13.22 -32.34 14.57
N VAL B 209 13.39 -31.31 15.39
CA VAL B 209 12.25 -30.53 15.86
C VAL B 209 11.56 -29.85 14.68
N VAL B 210 12.34 -29.22 13.83
CA VAL B 210 11.80 -28.52 12.67
C VAL B 210 11.08 -29.47 11.72
N ARG B 211 11.68 -30.63 11.45
CA ARG B 211 11.03 -31.62 10.61
C ARG B 211 9.71 -32.10 11.18
N ARG B 212 9.64 -32.28 12.50
CA ARG B 212 8.36 -32.69 13.12
C ARG B 212 7.29 -31.62 12.97
N ILE B 213 7.67 -30.36 13.08
CA ILE B 213 6.72 -29.28 12.93
C ILE B 213 6.23 -29.17 11.49
N ILE B 214 7.15 -29.26 10.53
CA ILE B 214 6.78 -29.28 9.11
C ILE B 214 5.80 -30.41 8.81
N CYS B 215 6.11 -31.60 9.30
CA CYS B 215 5.23 -32.75 9.13
C CYS B 215 3.84 -32.46 9.68
N SER B 216 3.80 -31.88 10.88
CA SER B 216 2.53 -31.60 11.53
C SER B 216 1.64 -30.69 10.70
N ALA B 217 2.27 -29.78 9.97
CA ALA B 217 1.54 -28.83 9.12
C ALA B 217 1.02 -29.46 7.82
N GLY B 218 1.27 -30.75 7.64
CA GLY B 218 0.82 -31.44 6.44
C GLY B 218 1.72 -31.21 5.24
N LEU B 219 2.93 -30.74 5.50
CA LEU B 219 3.89 -30.47 4.43
C LEU B 219 4.92 -31.57 4.29
N SER B 220 5.48 -31.70 3.09
CA SER B 220 6.50 -32.71 2.82
C SER B 220 7.77 -32.06 2.28
N LEU B 221 8.91 -32.69 2.53
CA LEU B 221 10.20 -32.16 2.12
C LEU B 221 10.50 -32.47 0.67
N LEU B 222 10.68 -31.41 -0.12
CA LEU B 222 11.08 -31.54 -1.52
C LEU B 222 12.60 -31.53 -1.66
N ALA B 223 13.25 -30.67 -0.90
CA ALA B 223 14.70 -30.57 -0.93
C ALA B 223 15.21 -29.91 0.34
N GLU B 224 16.42 -30.26 0.74
CA GLU B 224 17.04 -29.72 1.94
C GLU B 224 18.49 -29.42 1.60
N GLU B 225 19.00 -28.29 2.05
CA GLU B 225 20.36 -27.91 1.71
C GLU B 225 21.01 -27.06 2.79
N ARG B 226 22.22 -27.43 3.21
CA ARG B 226 22.96 -26.62 4.16
C ARG B 226 23.66 -25.45 3.46
N GLN B 227 23.56 -24.27 4.05
CA GLN B 227 24.20 -23.08 3.50
C GLN B 227 25.71 -23.17 3.68
N GLU B 228 26.44 -23.02 2.58
CA GLU B 228 27.89 -23.07 2.64
C GLU B 228 28.50 -21.69 2.83
N ASN B 229 29.80 -21.67 3.14
CA ASN B 229 30.60 -20.46 3.18
C ASN B 229 30.21 -19.43 4.24
N LEU B 230 29.65 -19.91 5.35
CA LEU B 230 29.33 -19.04 6.47
C LEU B 230 30.47 -18.99 7.45
N PRO B 231 30.54 -17.92 8.27
CA PRO B 231 31.51 -17.87 9.36
C PRO B 231 31.33 -19.08 10.28
N ASP B 232 32.44 -19.67 10.74
CA ASP B 232 32.39 -20.89 11.54
C ASP B 232 31.64 -20.74 12.86
N GLU B 233 31.63 -19.52 13.39
CA GLU B 233 31.12 -19.31 14.75
C GLU B 233 29.61 -19.22 14.87
N ILE B 234 28.91 -19.12 13.74
CA ILE B 234 27.46 -18.99 13.78
C ILE B 234 26.73 -20.34 13.65
N TYR B 235 25.46 -20.37 14.04
CA TYR B 235 24.62 -21.55 13.83
C TYR B 235 24.63 -21.93 12.36
N HIS B 236 24.58 -23.22 12.10
CA HIS B 236 24.41 -23.70 10.74
C HIS B 236 23.04 -23.24 10.25
N VAL B 237 22.95 -23.03 8.94
CA VAL B 237 21.74 -22.53 8.29
C VAL B 237 21.32 -23.55 7.23
N TYR B 238 20.04 -23.89 7.23
CA TYR B 238 19.49 -24.82 6.25
C TYR B 238 18.32 -24.22 5.50
N SER B 239 18.17 -24.64 4.25
CA SER B 239 16.99 -24.32 3.45
C SER B 239 16.17 -25.58 3.24
N PHE B 240 14.85 -25.46 3.39
CA PHE B 240 13.92 -26.55 3.14
C PHE B 240 12.90 -26.08 2.12
N ALA B 241 12.74 -26.81 1.02
CA ALA B 241 11.64 -26.56 0.10
C ALA B 241 10.53 -27.55 0.41
N LEU B 242 9.30 -27.06 0.51
CA LEU B 242 8.17 -27.84 1.01
C LEU B 242 6.93 -27.67 0.16
N ARG B 243 6.07 -28.67 0.13
CA ARG B 243 4.70 -28.46 -0.33
C ARG B 243 3.76 -29.48 0.27
N PBE C 1 -14.63 24.12 -3.76
CD PBE C 1 -15.62 24.97 -2.93
CA PBE C 1 -13.66 25.17 -4.35
CB PBE C 1 -14.62 26.28 -4.76
CG PBE C 1 -15.74 26.30 -3.70
CE PBE C 1 -13.99 22.97 -2.99
CF PBE C 1 -15.39 23.51 -4.89
C PBE C 1 -12.59 25.66 -3.32
O PBE C 1 -12.74 25.46 -2.11
N PRO C 2 -11.54 26.32 -3.81
CA PRO C 2 -10.69 27.06 -2.88
C PRO C 2 -11.57 28.03 -2.09
N LYS C 3 -11.25 28.24 -0.82
CA LYS C 3 -12.10 29.05 0.02
C LYS C 3 -11.34 29.58 1.22
N THR C 4 -11.86 30.66 1.80
CA THR C 4 -11.18 31.29 2.91
C THR C 4 -11.06 30.34 4.10
N SER C 5 -9.93 30.41 4.77
CA SER C 5 -9.72 29.63 5.99
C SER C 5 -10.29 30.39 7.18
N GLY C 6 -10.71 31.63 6.93
CA GLY C 6 -11.38 32.43 7.93
C GLY C 6 -10.43 33.10 8.91
N LYS C 7 -10.98 33.48 10.06
CA LYS C 7 -10.25 34.13 11.12
C LYS C 7 -9.03 33.34 11.57
N ALA C 8 -7.96 34.04 11.92
CA ALA C 8 -6.75 33.40 12.42
C ALA C 8 -6.95 32.92 13.85
N PBE D 1 18.08 -13.38 12.88
CD PBE D 1 18.57 -12.83 14.25
CA PBE D 1 19.33 -13.28 11.98
CB PBE D 1 19.87 -11.91 12.38
CG PBE D 1 19.71 -11.86 13.90
CE PBE D 1 17.41 -14.74 12.97
CF PBE D 1 17.04 -12.44 12.35
C PBE D 1 20.36 -14.45 12.22
O PBE D 1 20.26 -15.18 13.20
N PRO D 2 21.36 -14.56 11.33
CA PRO D 2 22.51 -15.40 11.67
C PRO D 2 23.08 -14.93 12.99
N LYS D 3 23.58 -15.86 13.80
CA LYS D 3 24.04 -15.51 15.14
C LYS D 3 24.99 -16.57 15.69
N THR D 4 25.79 -16.17 16.68
CA THR D 4 26.78 -17.06 17.26
C THR D 4 26.11 -18.25 17.94
N SER D 5 26.74 -19.41 17.81
CA SER D 5 26.23 -20.63 18.41
C SER D 5 26.91 -20.91 19.75
N GLY D 6 28.16 -20.46 19.88
CA GLY D 6 28.97 -20.76 21.04
C GLY D 6 29.91 -21.92 20.78
N SAH E . -13.35 19.78 -9.63
CA SAH E . -13.88 20.87 -10.44
CB SAH E . -15.19 21.41 -9.88
CG SAH E . -15.08 21.90 -8.43
SD SAH E . -16.64 22.52 -7.78
C SAH E . -12.88 22.01 -10.58
O SAH E . -11.92 22.08 -9.82
OXT SAH E . -13.05 22.85 -11.47
C5' SAH E . -17.11 21.00 -6.91
C4' SAH E . -17.88 20.00 -7.77
O4' SAH E . -18.22 18.88 -6.98
C3' SAH E . -19.19 20.55 -8.34
O3' SAH E . -19.21 20.35 -9.74
C2' SAH E . -20.27 19.70 -7.68
O2' SAH E . -21.38 19.44 -8.50
C1' SAH E . -19.51 18.43 -7.36
N9 SAH E . -19.98 17.62 -6.23
C8 SAH E . -20.39 18.03 -4.99
N7 SAH E . -20.70 16.93 -4.26
C5 SAH E . -20.48 15.83 -5.02
C6 SAH E . -20.64 14.47 -4.79
N6 SAH E . -21.06 14.00 -3.61
N1 SAH E . -20.32 13.60 -5.80
C2 SAH E . -19.87 14.03 -7.03
N3 SAH E . -19.73 15.39 -7.26
C4 SAH E . -20.04 16.25 -6.26
N SAH F . 13.88 -12.30 6.79
CA SAH F . 14.53 -11.00 6.64
CB SAH F . 14.58 -10.26 7.98
CG SAH F . 15.25 -11.05 9.11
SD SAH F . 15.33 -10.14 10.67
C SAH F . 15.94 -11.17 6.11
O SAH F . 16.49 -12.29 6.12
OXT SAH F . 16.56 -10.19 5.67
C5' SAH F . 13.85 -10.89 11.39
C4' SAH F . 12.54 -10.20 11.03
O4' SAH F . 11.48 -10.87 11.69
C3' SAH F . 12.45 -8.74 11.49
O3' SAH F . 12.11 -7.96 10.38
C2' SAH F . 11.32 -8.72 12.51
O2' SAH F . 10.55 -7.54 12.45
C1' SAH F . 10.51 -9.92 12.09
N9 SAH F . 9.69 -10.56 13.11
C8 SAH F . 10.05 -10.92 14.39
N7 SAH F . 9.00 -11.56 14.95
C5 SAH F . 7.98 -11.61 14.06
C6 SAH F . 6.70 -12.15 14.12
N6 SAH F . 6.23 -12.75 15.23
N1 SAH F . 5.89 -12.05 13.02
C2 SAH F . 6.34 -11.43 11.86
N3 SAH F . 7.61 -10.91 11.81
C4 SAH F . 8.41 -11.00 12.90
#